data_7LIZ
#
_entry.id   7LIZ
#
_cell.length_a   1.00
_cell.length_b   1.00
_cell.length_c   1.00
_cell.angle_alpha   90.00
_cell.angle_beta   90.00
_cell.angle_gamma   90.00
#
_symmetry.space_group_name_H-M   'P 1'
#
loop_
_entity.id
_entity.type
_entity.pdbx_description
1 polymer LR6
2 polymer 'B-phycoerythrin beta chain'
3 non-polymer PHYCOERYTHROBILIN
#
loop_
_entity_poly.entity_id
_entity_poly.type
_entity_poly.pdbx_seq_one_letter_code
_entity_poly.pdbx_strand_id
1 'polypeptide(L)'
;MRSCRRSVAQHPCAIQVDIVAMAAFISSFAGAQLAHARPSKQTALRAALTLPGTAETNLAVPSNAVRKVQPYPIAKPPSY
SSVDSLRPARVSRMDADWATIYEQVRRQVMGNAYVMEGEAPDIDVAFSQLKGGNLTVREFVRAVGKSASYRTRFMEAKSS
YNFVLLNFKHFLGRAPTQEEVSTHIQILATSGLEAEIDSYIDSDEYKALFGDHVVPYVVYRGTYLSSERFNRMVKANPGG
ATSDKAKSNLNMIATVAADLPTDAIDVMRGLPSPITSETLAFGTAYYWAKVEKEASEGRSASPIGEKIGKFDHAPISTYT
SLCSYDKVNKAPQISVTNVGSDEHSYVSVTSKYIAPDMAAAAQMLADCQKYKAGGNAPTGKWMKYYPGTTVNMAPYISLN
DTGSDSSRTVSVTLDKVKISPNKIGK
;
A
2 'polypeptide(L)'
;MLDAFSRVVVNSDAKAAYVGGSDLQALKSFIADGNKRLDAVNSIVSNASCMVSDAVSGMICENPGLISPGG(MEN)CYTN
RRMAACLRDGEIILRYVSYALLAGDASVLEDRCLNGLKETYIALGVPTNSSIRAVSIMKAQAVAFITNTATERKMSFAAG
DCTSLASEVASYFDRVGAAIS
;
B,C
#
# COMPACT_ATOMS: atom_id res chain seq x y z
N GLY A 309 27.01 -20.58 11.27
CA GLY A 309 26.06 -19.48 11.07
C GLY A 309 25.46 -19.00 12.38
N LYS A 310 26.24 -18.24 13.17
CA LYS A 310 25.77 -17.73 14.49
C LYS A 310 25.26 -16.29 14.33
N PHE A 311 24.13 -15.99 14.97
CA PHE A 311 23.53 -14.63 14.91
C PHE A 311 23.24 -14.15 16.34
N ASP A 312 23.61 -12.91 16.64
CA ASP A 312 23.40 -12.33 18.00
C ASP A 312 22.02 -11.68 18.07
N HIS A 313 21.04 -12.42 18.60
CA HIS A 313 19.69 -11.90 18.74
C HIS A 313 19.60 -10.87 19.86
N ALA A 314 18.57 -10.02 19.78
CA ALA A 314 18.44 -8.90 20.68
C ALA A 314 18.09 -9.37 22.09
N PRO A 315 18.24 -8.51 23.10
CA PRO A 315 17.86 -8.91 24.46
C PRO A 315 16.38 -9.26 24.56
N ILE A 316 16.08 -10.22 25.43
CA ILE A 316 14.71 -10.67 25.63
C ILE A 316 13.82 -9.51 26.08
N SER A 317 14.35 -8.67 26.97
CA SER A 317 13.55 -7.62 27.57
C SER A 317 13.02 -6.61 26.56
N THR A 318 13.66 -6.48 25.39
CA THR A 318 13.24 -5.49 24.42
C THR A 318 11.96 -5.87 23.68
N TYR A 319 11.50 -7.13 23.80
CA TYR A 319 10.27 -7.56 23.15
C TYR A 319 9.34 -8.32 24.10
N THR A 320 9.43 -8.08 25.41
CA THR A 320 8.52 -8.72 26.33
C THR A 320 7.06 -8.42 26.01
N SER A 321 6.77 -7.23 25.46
CA SER A 321 5.42 -6.92 25.07
C SER A 321 4.92 -7.88 23.99
N LEU A 322 5.80 -8.27 23.07
CA LEU A 322 5.35 -9.04 21.92
C LEU A 322 5.02 -10.48 22.32
N CYS A 323 6.02 -11.24 22.74
CA CYS A 323 5.84 -12.69 22.89
C CYS A 323 7.02 -13.27 23.65
N SER A 324 6.85 -14.52 24.09
CA SER A 324 7.87 -15.24 24.85
C SER A 324 9.00 -15.69 23.94
N TYR A 325 10.18 -15.87 24.54
CA TYR A 325 11.37 -16.17 23.74
C TYR A 325 11.24 -17.52 23.03
N ASP A 326 10.55 -18.48 23.63
CA ASP A 326 10.45 -19.79 23.02
C ASP A 326 9.49 -19.84 21.85
N LYS A 327 8.82 -18.74 21.52
CA LYS A 327 7.87 -18.68 20.42
C LYS A 327 8.08 -17.51 19.47
N VAL A 328 9.05 -16.63 19.73
CA VAL A 328 9.27 -15.48 18.86
C VAL A 328 9.84 -15.96 17.52
N ASN A 329 9.48 -15.22 16.45
CA ASN A 329 9.97 -15.41 15.08
C ASN A 329 9.36 -16.64 14.40
N LYS A 330 8.54 -17.41 15.10
CA LYS A 330 7.80 -18.48 14.46
C LYS A 330 6.58 -17.91 13.77
N ALA A 331 6.47 -18.17 12.48
CA ALA A 331 5.40 -17.64 11.64
C ALA A 331 4.87 -18.76 10.75
N PRO A 332 3.63 -18.64 10.25
CA PRO A 332 3.06 -19.73 9.47
C PRO A 332 3.86 -20.02 8.21
N GLN A 333 3.88 -21.29 7.83
CA GLN A 333 4.50 -21.75 6.60
C GLN A 333 3.45 -22.57 5.87
N ILE A 334 3.03 -22.08 4.70
CA ILE A 334 1.85 -22.59 4.01
C ILE A 334 2.28 -23.07 2.64
N SER A 335 1.90 -24.29 2.31
CA SER A 335 2.12 -24.86 0.98
C SER A 335 0.77 -25.35 0.46
N VAL A 336 0.40 -24.88 -0.72
CA VAL A 336 -0.85 -25.23 -1.37
C VAL A 336 -0.48 -25.91 -2.68
N THR A 337 -1.10 -27.06 -2.94
CA THR A 337 -0.71 -27.91 -4.06
C THR A 337 -1.93 -28.18 -4.92
N ASN A 338 -1.82 -27.85 -6.20
CA ASN A 338 -2.88 -28.10 -7.17
C ASN A 338 -2.64 -29.43 -7.87
N VAL A 339 -3.72 -30.18 -8.09
CA VAL A 339 -3.74 -31.26 -9.05
C VAL A 339 -5.18 -31.40 -9.52
N GLY A 340 -5.36 -31.93 -10.72
CA GLY A 340 -6.69 -32.05 -11.29
C GLY A 340 -7.64 -32.85 -10.41
N SER A 341 -7.11 -33.83 -9.68
CA SER A 341 -7.94 -34.63 -8.80
C SER A 341 -8.32 -33.84 -7.56
N ASP A 342 -9.62 -33.64 -7.36
CA ASP A 342 -10.14 -33.17 -6.09
C ASP A 342 -9.94 -34.17 -4.97
N GLU A 343 -9.64 -35.44 -5.30
CA GLU A 343 -9.41 -36.50 -4.32
C GLU A 343 -7.96 -36.60 -3.89
N HIS A 344 -7.05 -35.81 -4.48
CA HIS A 344 -5.62 -35.89 -4.17
C HIS A 344 -4.98 -34.55 -3.86
N SER A 345 -5.55 -33.42 -4.28
CA SER A 345 -5.01 -32.13 -3.91
C SER A 345 -5.06 -31.95 -2.40
N TYR A 346 -4.13 -31.15 -1.88
CA TYR A 346 -4.01 -30.98 -0.44
C TYR A 346 -3.44 -29.61 -0.11
N VAL A 347 -3.55 -29.25 1.15
CA VAL A 347 -2.97 -28.03 1.71
C VAL A 347 -2.22 -28.44 2.98
N SER A 348 -1.15 -27.72 3.28
CA SER A 348 -0.36 -27.97 4.48
C SER A 348 0.02 -26.65 5.12
N VAL A 349 -0.01 -26.64 6.45
CA VAL A 349 0.30 -25.46 7.26
C VAL A 349 1.19 -25.88 8.42
N THR A 350 2.15 -25.03 8.75
CA THR A 350 2.99 -25.25 9.92
C THR A 350 3.61 -23.94 10.35
N SER A 351 4.04 -23.90 11.62
CA SER A 351 4.88 -22.83 12.12
C SER A 351 6.33 -23.27 12.08
N LYS A 352 7.19 -22.46 11.48
CA LYS A 352 8.62 -22.70 11.43
C LYS A 352 9.37 -21.48 11.92
N TYR A 353 10.59 -21.70 12.38
CA TYR A 353 11.47 -20.62 12.80
C TYR A 353 12.17 -20.02 11.58
N ILE A 354 11.98 -18.73 11.37
CA ILE A 354 12.60 -18.02 10.25
C ILE A 354 13.90 -17.41 10.77
N ALA A 355 15.00 -18.00 10.39
CA ALA A 355 16.31 -17.51 10.80
C ALA A 355 16.80 -16.43 9.85
N PRO A 356 17.67 -15.52 10.29
CA PRO A 356 18.23 -14.52 9.36
C PRO A 356 19.26 -15.15 8.45
N ASP A 357 19.19 -14.82 7.16
CA ASP A 357 20.15 -15.28 6.16
C ASP A 357 21.13 -14.14 5.92
N MET A 358 22.34 -14.29 6.46
CA MET A 358 23.37 -13.28 6.26
C MET A 358 23.77 -13.18 4.80
N ALA A 359 23.71 -14.30 4.07
CA ALA A 359 24.20 -14.31 2.70
C ALA A 359 23.33 -13.44 1.79
N ALA A 360 22.02 -13.59 1.91
CA ALA A 360 21.13 -12.72 1.14
C ALA A 360 21.28 -11.27 1.57
N ALA A 361 21.35 -11.02 2.89
CA ALA A 361 21.40 -9.65 3.36
C ALA A 361 22.70 -8.96 3.00
N ALA A 362 23.79 -9.71 2.84
CA ALA A 362 25.01 -9.12 2.30
C ALA A 362 24.78 -8.67 0.86
N GLN A 363 24.07 -9.49 0.07
CA GLN A 363 23.76 -9.14 -1.31
C GLN A 363 22.90 -7.90 -1.37
N MET A 364 21.95 -7.76 -0.44
CA MET A 364 21.03 -6.63 -0.48
C MET A 364 21.78 -5.31 -0.39
N LEU A 365 22.73 -5.21 0.54
CA LEU A 365 23.46 -3.96 0.69
C LEU A 365 24.28 -3.66 -0.55
N ALA A 366 24.86 -4.70 -1.17
CA ALA A 366 25.65 -4.48 -2.37
C ALA A 366 24.81 -3.94 -3.52
N ASP A 367 23.56 -4.38 -3.63
CA ASP A 367 22.70 -3.90 -4.70
C ASP A 367 22.20 -2.49 -4.43
N CYS A 368 21.93 -2.16 -3.17
CA CYS A 368 21.35 -0.87 -2.86
C CYS A 368 22.37 0.27 -2.84
N GLN A 369 23.66 -0.01 -3.03
CA GLN A 369 24.64 1.07 -3.06
C GLN A 369 24.36 2.07 -4.16
N LYS A 370 23.74 1.64 -5.25
CA LYS A 370 23.46 2.53 -6.37
C LYS A 370 22.61 3.71 -5.93
N TYR A 371 21.62 3.47 -5.07
CA TYR A 371 20.76 4.55 -4.63
C TYR A 371 21.48 5.46 -3.65
N LYS A 372 22.46 4.91 -2.92
CA LYS A 372 23.13 5.68 -1.88
C LYS A 372 23.89 6.87 -2.45
N ALA A 373 24.30 6.80 -3.72
CA ALA A 373 25.10 7.82 -4.38
C ALA A 373 24.39 8.42 -5.59
N GLY A 374 23.13 8.81 -5.40
CA GLY A 374 22.40 9.54 -6.42
C GLY A 374 21.73 10.79 -5.88
N GLY A 375 22.26 11.35 -4.79
CA GLY A 375 21.65 12.48 -4.13
C GLY A 375 20.33 12.09 -3.45
N ASN A 376 19.70 13.10 -2.83
CA ASN A 376 18.42 12.88 -2.15
C ASN A 376 17.30 13.76 -2.72
N ALA A 377 17.52 15.06 -2.76
CA ALA A 377 16.51 16.03 -3.22
C ALA A 377 17.06 17.44 -3.02
N PRO A 378 16.52 18.44 -3.74
CA PRO A 378 16.92 19.82 -3.48
C PRO A 378 16.20 20.40 -2.27
N THR A 379 16.70 21.54 -1.80
CA THR A 379 16.17 22.18 -0.61
C THR A 379 16.42 23.68 -0.68
N GLY A 380 15.60 24.44 0.03
CA GLY A 380 15.73 25.88 0.06
C GLY A 380 14.97 26.45 1.23
N LYS A 381 15.01 27.78 1.34
CA LYS A 381 14.30 28.45 2.42
C LYS A 381 12.78 28.31 2.29
N TRP A 382 12.29 27.88 1.13
CA TRP A 382 10.89 27.48 0.98
C TRP A 382 10.54 26.21 1.75
N MET A 383 11.51 25.53 2.37
CA MET A 383 11.24 24.27 3.04
C MET A 383 10.29 24.43 4.23
N LYS A 384 10.05 25.66 4.70
CA LYS A 384 9.13 25.86 5.82
C LYS A 384 7.74 25.34 5.53
N TYR A 385 7.33 25.29 4.25
CA TYR A 385 6.03 24.79 3.87
C TYR A 385 5.92 23.28 3.99
N TYR A 386 7.02 22.57 4.26
CA TYR A 386 7.04 21.13 4.46
C TYR A 386 7.70 20.92 5.82
N PRO A 387 6.96 21.12 6.94
CA PRO A 387 7.62 21.27 8.24
C PRO A 387 8.14 19.98 8.85
N GLY A 388 7.48 18.87 8.59
CA GLY A 388 7.94 17.60 9.10
C GLY A 388 8.74 16.85 8.07
N THR A 389 8.63 15.54 8.06
CA THR A 389 9.04 14.73 6.92
C THR A 389 8.02 14.75 5.78
N THR A 390 7.03 15.64 5.81
CA THR A 390 5.94 15.65 4.85
C THR A 390 6.35 16.11 3.45
N VAL A 391 7.61 16.45 3.23
CA VAL A 391 8.10 16.72 1.88
C VAL A 391 7.82 15.50 1.02
N ASN A 392 7.10 15.69 -0.09
CA ASN A 392 6.72 14.62 -0.99
C ASN A 392 5.89 13.54 -0.31
N MET A 393 5.04 13.91 0.65
CA MET A 393 4.05 13.03 1.24
C MET A 393 2.64 13.38 0.74
N ALA A 394 1.82 12.36 0.52
CA ALA A 394 0.43 12.50 0.13
C ALA A 394 -0.41 11.45 0.84
N PRO A 395 -1.72 11.68 0.99
CA PRO A 395 -2.56 10.63 1.58
C PRO A 395 -2.92 9.55 0.57
N TYR A 396 -2.82 8.31 1.01
CA TYR A 396 -3.22 7.15 0.23
C TYR A 396 -4.53 6.64 0.81
N ILE A 397 -5.47 6.29 -0.06
CA ILE A 397 -6.80 5.85 0.33
C ILE A 397 -7.04 4.48 -0.26
N SER A 398 -7.68 3.61 0.52
CA SER A 398 -8.08 2.29 0.06
C SER A 398 -9.55 2.06 0.40
N LEU A 399 -10.27 1.42 -0.51
CA LEU A 399 -11.69 1.16 -0.35
C LEU A 399 -11.95 -0.31 -0.65
N ASN A 400 -12.83 -0.93 0.16
CA ASN A 400 -13.10 -2.38 0.10
C ASN A 400 -14.60 -2.62 -0.01
N ASP A 401 -15.09 -2.68 -1.25
CA ASP A 401 -16.41 -3.21 -1.52
C ASP A 401 -16.29 -4.73 -1.60
N THR A 402 -17.21 -5.43 -0.94
CA THR A 402 -17.14 -6.88 -0.85
C THR A 402 -18.54 -7.43 -0.63
N GLY A 403 -18.61 -8.77 -0.56
CA GLY A 403 -19.88 -9.47 -0.50
C GLY A 403 -20.57 -9.48 0.86
N SER A 404 -20.01 -8.82 1.87
CA SER A 404 -20.61 -8.74 3.19
C SER A 404 -20.62 -7.29 3.63
N ASP A 405 -21.72 -6.87 4.25
CA ASP A 405 -21.89 -5.46 4.60
C ASP A 405 -21.03 -5.07 5.80
N SER A 406 -20.74 -6.01 6.69
CA SER A 406 -19.87 -5.72 7.83
C SER A 406 -18.40 -5.78 7.46
N SER A 407 -18.04 -6.55 6.43
CA SER A 407 -16.64 -6.69 6.06
C SER A 407 -16.11 -5.50 5.26
N ARG A 408 -16.98 -4.60 4.80
CA ARG A 408 -16.53 -3.41 4.11
C ARG A 408 -15.60 -2.60 5.01
N THR A 409 -14.55 -2.04 4.40
CA THR A 409 -13.58 -1.23 5.12
C THR A 409 -13.07 -0.11 4.22
N VAL A 410 -12.47 0.89 4.87
CA VAL A 410 -11.86 2.02 4.20
C VAL A 410 -10.56 2.32 4.95
N SER A 411 -9.59 2.90 4.24
CA SER A 411 -8.32 3.27 4.86
C SER A 411 -7.86 4.62 4.30
N VAL A 412 -7.15 5.36 5.14
CA VAL A 412 -6.47 6.59 4.74
C VAL A 412 -5.15 6.64 5.49
N THR A 413 -4.06 6.89 4.77
CA THR A 413 -2.73 6.84 5.37
C THR A 413 -1.80 7.81 4.66
N LEU A 414 -1.19 8.72 5.43
CA LEU A 414 -0.21 9.64 4.89
C LEU A 414 1.11 8.91 4.66
N ASP A 415 1.72 9.13 3.50
CA ASP A 415 2.92 8.39 3.13
C ASP A 415 3.64 9.09 1.98
N LYS A 416 4.91 8.71 1.80
CA LYS A 416 5.73 9.27 0.73
C LYS A 416 5.29 8.74 -0.62
N VAL A 417 5.55 9.53 -1.67
CA VAL A 417 5.21 9.20 -3.05
C VAL A 417 6.48 9.12 -3.87
N LYS A 418 6.63 8.02 -4.62
CA LYS A 418 7.75 7.85 -5.53
C LYS A 418 7.28 7.03 -6.72
N ILE A 419 7.93 7.22 -7.85
CA ILE A 419 7.57 6.56 -9.11
C ILE A 419 8.66 5.53 -9.40
N SER A 420 8.24 4.28 -9.60
CA SER A 420 9.20 3.22 -9.86
C SER A 420 9.83 3.43 -11.24
N PRO A 421 11.06 2.95 -11.45
CA PRO A 421 11.73 3.21 -12.74
C PRO A 421 10.99 2.70 -13.95
N ASN A 422 10.14 1.68 -13.81
CA ASN A 422 9.38 1.19 -14.95
C ASN A 422 8.28 2.15 -15.41
N LYS A 423 8.10 3.30 -14.75
CA LYS A 423 7.15 4.31 -15.20
C LYS A 423 7.77 5.70 -15.09
N MET B 1 -10.71 -29.28 10.91
CA MET B 1 -9.47 -29.22 10.08
C MET B 1 -9.00 -27.78 9.91
N LEU B 2 -9.91 -26.86 9.59
CA LEU B 2 -9.56 -25.45 9.60
C LEU B 2 -9.23 -24.98 11.01
N ASP B 3 -9.89 -25.57 12.02
CA ASP B 3 -9.52 -25.30 13.40
C ASP B 3 -8.08 -25.77 13.66
N ALA B 4 -7.70 -26.93 13.11
CA ALA B 4 -6.34 -27.41 13.29
C ALA B 4 -5.31 -26.44 12.72
N PHE B 5 -5.64 -25.81 11.59
CA PHE B 5 -4.73 -24.83 11.03
C PHE B 5 -4.52 -23.67 11.99
N SER B 6 -5.59 -23.21 12.63
CA SER B 6 -5.47 -22.09 13.56
C SER B 6 -4.64 -22.46 14.79
N ARG B 7 -4.66 -23.74 15.19
CA ARG B 7 -3.93 -24.16 16.39
C ARG B 7 -2.43 -24.11 16.17
N VAL B 8 -1.95 -24.64 15.04
CA VAL B 8 -0.50 -24.69 14.82
C VAL B 8 0.08 -23.29 14.69
N VAL B 9 -0.65 -22.37 14.07
CA VAL B 9 -0.13 -21.02 13.89
C VAL B 9 -0.01 -20.26 15.20
N VAL B 10 -0.61 -20.76 16.28
CA VAL B 10 -0.36 -20.25 17.62
C VAL B 10 0.52 -21.25 18.36
N ASN B 11 1.35 -21.99 17.61
CA ASN B 11 2.49 -22.71 18.13
C ASN B 11 2.12 -23.89 19.03
N SER B 12 1.00 -24.55 18.74
CA SER B 12 0.63 -25.74 19.49
C SER B 12 1.57 -26.89 19.18
N ASP B 13 1.35 -28.03 19.85
CA ASP B 13 2.35 -29.08 19.92
C ASP B 13 2.61 -29.77 18.58
N ALA B 14 1.71 -29.67 17.62
CA ALA B 14 1.84 -30.46 16.40
C ALA B 14 2.99 -29.95 15.54
N LYS B 15 3.54 -30.87 14.73
CA LYS B 15 4.58 -30.49 13.79
C LYS B 15 4.01 -29.68 12.62
N ALA B 16 2.88 -30.12 12.07
CA ALA B 16 2.34 -29.53 10.86
C ALA B 16 0.91 -30.02 10.68
N ALA B 17 0.21 -29.41 9.74
CA ALA B 17 -1.16 -29.72 9.41
C ALA B 17 -1.23 -30.28 8.00
N TYR B 18 -2.32 -31.00 7.73
CA TYR B 18 -2.55 -31.61 6.43
C TYR B 18 -4.05 -31.76 6.23
N VAL B 19 -4.49 -31.68 4.98
CA VAL B 19 -5.89 -31.92 4.62
C VAL B 19 -5.91 -32.80 3.37
N GLY B 20 -6.65 -33.90 3.44
CA GLY B 20 -6.72 -34.85 2.35
C GLY B 20 -7.68 -34.42 1.26
N GLY B 21 -7.86 -35.32 0.30
CA GLY B 21 -8.79 -35.05 -0.78
C GLY B 21 -10.22 -34.86 -0.30
N SER B 22 -10.69 -35.78 0.54
CA SER B 22 -12.03 -35.62 1.13
C SER B 22 -12.08 -34.41 2.04
N ASP B 23 -11.03 -34.20 2.83
CA ASP B 23 -11.03 -33.10 3.79
C ASP B 23 -10.83 -31.76 3.11
N LEU B 24 -10.04 -31.73 2.02
CA LEU B 24 -9.84 -30.46 1.33
C LEU B 24 -11.16 -29.92 0.78
N GLN B 25 -11.92 -30.77 0.09
CA GLN B 25 -13.24 -30.34 -0.36
C GLN B 25 -14.18 -30.10 0.82
N ALA B 26 -13.95 -30.78 1.94
CA ALA B 26 -14.69 -30.45 3.16
C ALA B 26 -14.33 -29.05 3.64
N LEU B 27 -13.04 -28.70 3.62
CA LEU B 27 -12.64 -27.35 3.99
C LEU B 27 -13.19 -26.33 2.99
N LYS B 28 -13.11 -26.64 1.70
CA LYS B 28 -13.66 -25.75 0.69
C LYS B 28 -15.16 -25.56 0.86
N SER B 29 -15.85 -26.58 1.37
CA SER B 29 -17.28 -26.41 1.64
C SER B 29 -17.52 -25.43 2.77
N PHE B 30 -16.66 -25.44 3.80
CA PHE B 30 -16.85 -24.53 4.91
C PHE B 30 -16.53 -23.09 4.51
N ILE B 31 -15.40 -22.88 3.85
CA ILE B 31 -15.01 -21.54 3.39
C ILE B 31 -15.69 -21.30 2.04
N ALA B 32 -16.66 -20.38 2.02
CA ALA B 32 -17.25 -19.96 0.76
C ALA B 32 -16.19 -19.28 -0.10
N ASP B 33 -16.34 -19.41 -1.41
CA ASP B 33 -15.36 -18.95 -2.39
C ASP B 33 -14.01 -19.63 -2.20
N GLY B 34 -14.04 -20.90 -1.79
CA GLY B 34 -12.82 -21.59 -1.45
C GLY B 34 -11.81 -21.66 -2.59
N ASN B 35 -12.27 -22.02 -3.78
CA ASN B 35 -11.37 -22.21 -4.91
C ASN B 35 -10.58 -20.94 -5.24
N LYS B 36 -11.27 -19.81 -5.33
CA LYS B 36 -10.58 -18.56 -5.60
C LYS B 36 -9.64 -18.20 -4.46
N ARG B 37 -10.08 -18.40 -3.22
CA ARG B 37 -9.26 -18.06 -2.07
C ARG B 37 -8.00 -18.93 -2.01
N LEU B 38 -8.13 -20.21 -2.34
CA LEU B 38 -6.97 -21.07 -2.46
C LEU B 38 -6.04 -20.58 -3.56
N ASP B 39 -6.61 -20.20 -4.71
CA ASP B 39 -5.82 -19.59 -5.77
C ASP B 39 -5.11 -18.33 -5.27
N ALA B 40 -5.80 -17.53 -4.45
CA ALA B 40 -5.25 -16.25 -4.05
C ALA B 40 -4.05 -16.43 -3.13
N VAL B 41 -4.17 -17.28 -2.10
CA VAL B 41 -3.02 -17.50 -1.21
C VAL B 41 -1.87 -18.13 -1.96
N ASN B 42 -2.16 -19.03 -2.90
CA ASN B 42 -1.11 -19.67 -3.66
C ASN B 42 -0.31 -18.64 -4.46
N SER B 43 -0.99 -17.66 -5.04
CA SER B 43 -0.29 -16.64 -5.81
C SER B 43 0.60 -15.78 -4.91
N ILE B 44 0.18 -15.52 -3.67
CA ILE B 44 0.99 -14.69 -2.78
C ILE B 44 2.17 -15.48 -2.23
N VAL B 45 1.90 -16.67 -1.68
CA VAL B 45 2.97 -17.42 -1.02
C VAL B 45 4.02 -17.86 -2.02
N SER B 46 3.62 -18.20 -3.24
CA SER B 46 4.60 -18.64 -4.24
C SER B 46 5.53 -17.53 -4.66
N ASN B 47 5.15 -16.26 -4.48
CA ASN B 47 5.97 -15.11 -4.85
C ASN B 47 6.46 -14.32 -3.64
N ALA B 48 6.36 -14.89 -2.44
CA ALA B 48 6.77 -14.18 -1.24
C ALA B 48 8.25 -13.81 -1.26
N SER B 49 9.09 -14.67 -1.84
CA SER B 49 10.52 -14.38 -1.91
C SER B 49 10.79 -13.11 -2.70
N CYS B 50 10.15 -12.98 -3.87
CA CYS B 50 10.32 -11.77 -4.68
C CYS B 50 9.65 -10.57 -4.01
N MET B 51 8.51 -10.80 -3.38
CA MET B 51 7.74 -9.69 -2.80
C MET B 51 8.52 -8.97 -1.71
N VAL B 52 9.14 -9.72 -0.81
CA VAL B 52 9.78 -9.09 0.34
C VAL B 52 11.04 -8.34 -0.08
N SER B 53 11.89 -8.97 -0.90
CA SER B 53 13.14 -8.33 -1.29
C SER B 53 12.87 -7.06 -2.08
N ASP B 54 11.88 -7.10 -2.98
CA ASP B 54 11.52 -5.89 -3.71
C ASP B 54 10.97 -4.82 -2.77
N ALA B 55 10.17 -5.23 -1.77
CA ALA B 55 9.60 -4.26 -0.85
C ALA B 55 10.67 -3.63 0.02
N VAL B 56 11.60 -4.45 0.52
CA VAL B 56 12.71 -3.93 1.30
C VAL B 56 13.54 -2.99 0.46
N SER B 57 13.85 -3.39 -0.78
CA SER B 57 14.67 -2.57 -1.65
C SER B 57 13.99 -1.25 -1.98
N GLY B 58 12.68 -1.28 -2.24
CA GLY B 58 11.95 -0.06 -2.50
C GLY B 58 12.00 0.89 -1.32
N MET B 59 11.89 0.34 -0.11
CA MET B 59 11.98 1.15 1.10
C MET B 59 13.32 1.88 1.17
N ILE B 60 14.40 1.22 0.78
CA ILE B 60 15.72 1.82 0.86
C ILE B 60 15.85 2.98 -0.14
N CYS B 61 15.45 2.75 -1.39
CA CYS B 61 15.61 3.80 -2.39
C CYS B 61 14.71 5.00 -2.13
N GLU B 62 13.62 4.82 -1.39
CA GLU B 62 12.79 5.95 -1.00
C GLU B 62 13.40 6.74 0.15
N ASN B 63 14.34 6.14 0.89
CA ASN B 63 15.07 6.85 1.94
C ASN B 63 16.43 6.19 2.14
N PRO B 64 17.42 6.57 1.33
CA PRO B 64 18.74 5.90 1.45
C PRO B 64 19.45 6.11 2.79
N GLY B 65 18.93 6.95 3.68
CA GLY B 65 19.53 7.10 5.00
C GLY B 65 19.54 5.82 5.81
N LEU B 66 18.66 4.87 5.52
CA LEU B 66 18.64 3.62 6.27
C LEU B 66 19.94 2.84 6.13
N ILE B 67 20.65 3.01 5.01
CA ILE B 67 21.90 2.30 4.76
C ILE B 67 23.12 3.16 4.96
N SER B 68 22.96 4.42 5.36
CA SER B 68 24.08 5.26 5.74
C SER B 68 24.51 4.90 7.17
N PRO B 69 25.76 5.18 7.54
CA PRO B 69 26.20 4.92 8.92
C PRO B 69 25.30 5.60 9.94
N GLY B 70 24.92 4.85 10.96
CA GLY B 70 23.84 5.23 11.84
C GLY B 70 22.46 4.87 11.32
N GLY B 71 22.35 4.32 10.13
CA GLY B 71 21.08 3.88 9.58
C GLY B 71 20.72 2.49 10.04
N CYS B 73 19.35 -0.03 8.71
CA CYS B 73 19.63 -1.16 7.80
C CYS B 73 21.08 -1.18 7.29
N TYR B 74 21.89 -0.23 7.73
CA TYR B 74 23.34 -0.35 7.67
C TYR B 74 23.76 -1.60 8.47
N THR B 75 24.99 -2.09 8.27
CA THR B 75 25.48 -3.39 8.77
C THR B 75 24.84 -4.58 8.09
N ASN B 76 25.54 -5.71 8.06
CA ASN B 76 25.05 -6.96 7.51
C ASN B 76 24.08 -7.63 8.48
N ARG B 77 24.30 -7.47 9.78
CA ARG B 77 23.52 -8.08 10.86
C ARG B 77 22.11 -7.51 10.94
N ARG B 78 21.97 -6.18 10.91
CA ARG B 78 20.64 -5.58 11.00
C ARG B 78 19.86 -5.77 9.71
N MET B 79 20.54 -5.75 8.56
CA MET B 79 19.85 -5.92 7.29
C MET B 79 19.15 -7.28 7.24
N ALA B 80 19.78 -8.32 7.76
CA ALA B 80 19.14 -9.62 7.81
C ALA B 80 17.91 -9.61 8.70
N ALA B 81 17.97 -8.87 9.81
CA ALA B 81 16.84 -8.80 10.71
C ALA B 81 15.64 -8.14 10.05
N CYS B 82 15.87 -7.08 9.28
CA CYS B 82 14.77 -6.37 8.63
C CYS B 82 14.11 -7.25 7.58
N LEU B 83 14.91 -7.93 6.77
CA LEU B 83 14.35 -8.85 5.77
C LEU B 83 13.49 -9.91 6.43
N ARG B 84 13.93 -10.43 7.56
CA ARG B 84 13.15 -11.42 8.31
C ARG B 84 11.80 -10.84 8.72
N ASP B 85 11.78 -9.57 9.17
CA ASP B 85 10.54 -8.98 9.64
C ASP B 85 9.49 -8.92 8.54
N GLY B 86 9.89 -8.59 7.32
CA GLY B 86 8.95 -8.58 6.22
C GLY B 86 8.44 -9.97 5.88
N GLU B 87 9.31 -10.97 5.97
CA GLU B 87 8.89 -12.34 5.72
C GLU B 87 7.88 -12.80 6.75
N ILE B 88 8.11 -12.47 8.02
CA ILE B 88 7.17 -12.85 9.07
C ILE B 88 5.82 -12.20 8.81
N ILE B 89 5.81 -10.89 8.56
CA ILE B 89 4.55 -10.17 8.39
C ILE B 89 3.78 -10.68 7.19
N LEU B 90 4.46 -10.94 6.07
CA LEU B 90 3.78 -11.47 4.90
C LEU B 90 3.18 -12.84 5.17
N ARG B 91 3.89 -13.69 5.92
CA ARG B 91 3.35 -15.01 6.21
C ARG B 91 2.07 -14.91 7.02
N TYR B 92 2.05 -14.03 8.03
CA TYR B 92 0.87 -13.95 8.89
C TYR B 92 -0.35 -13.46 8.11
N VAL B 93 -0.19 -12.43 7.28
CA VAL B 93 -1.32 -11.92 6.51
C VAL B 93 -1.70 -12.89 5.42
N SER B 94 -0.76 -13.68 4.91
CA SER B 94 -1.13 -14.72 3.95
C SER B 94 -2.01 -15.76 4.61
N TYR B 95 -1.75 -16.10 5.86
CA TYR B 95 -2.63 -17.03 6.56
C TYR B 95 -4.00 -16.41 6.77
N ALA B 96 -4.04 -15.11 7.09
CA ALA B 96 -5.32 -14.45 7.33
C ALA B 96 -6.22 -14.55 6.11
N LEU B 97 -5.63 -14.47 4.92
CA LEU B 97 -6.39 -14.71 3.70
C LEU B 97 -6.89 -16.15 3.65
N LEU B 98 -6.07 -17.11 4.07
CA LEU B 98 -6.50 -18.51 4.03
C LEU B 98 -7.69 -18.76 4.92
N ALA B 99 -7.65 -18.26 6.15
CA ALA B 99 -8.80 -18.37 7.04
C ALA B 99 -9.85 -17.31 6.75
N GLY B 100 -9.47 -16.23 6.07
CA GLY B 100 -10.40 -15.14 5.83
C GLY B 100 -10.75 -14.34 7.06
N ASP B 101 -9.88 -14.34 8.07
CA ASP B 101 -10.13 -13.61 9.30
C ASP B 101 -8.85 -12.97 9.82
N ALA B 102 -9.00 -11.79 10.42
CA ALA B 102 -7.86 -11.04 10.94
C ALA B 102 -7.47 -11.47 12.35
N SER B 103 -8.21 -12.42 12.96
CA SER B 103 -8.06 -12.69 14.38
C SER B 103 -6.64 -13.15 14.73
N VAL B 104 -6.09 -14.10 13.98
CA VAL B 104 -4.74 -14.56 14.27
C VAL B 104 -3.73 -13.48 13.95
N LEU B 105 -3.94 -12.74 12.86
CA LEU B 105 -3.05 -11.63 12.52
C LEU B 105 -3.01 -10.62 13.65
N GLU B 106 -4.17 -10.15 14.09
CA GLU B 106 -4.21 -9.17 15.17
C GLU B 106 -3.67 -9.76 16.47
N ASP B 107 -4.04 -11.00 16.77
CA ASP B 107 -3.84 -11.51 18.13
C ASP B 107 -2.46 -12.10 18.35
N ARG B 108 -1.90 -12.77 17.34
CA ARG B 108 -0.61 -13.43 17.48
C ARG B 108 0.56 -12.56 17.07
N CYS B 109 0.34 -11.52 16.26
CA CYS B 109 1.43 -10.76 15.65
C CYS B 109 1.42 -9.28 16.03
N LEU B 110 0.31 -8.57 15.86
CA LEU B 110 0.37 -7.12 15.88
C LEU B 110 0.32 -6.53 17.28
N ASN B 111 -0.35 -7.19 18.22
CA ASN B 111 -0.34 -6.71 19.60
C ASN B 111 1.07 -6.81 20.17
N GLY B 112 1.52 -5.72 20.80
CA GLY B 112 2.85 -5.65 21.35
C GLY B 112 3.96 -5.39 20.35
N LEU B 113 3.67 -5.40 19.05
CA LEU B 113 4.72 -5.14 18.07
C LEU B 113 5.15 -3.68 18.09
N LYS B 114 4.20 -2.75 18.28
CA LYS B 114 4.55 -1.34 18.27
C LYS B 114 5.54 -1.01 19.37
N GLU B 115 5.28 -1.50 20.59
CA GLU B 115 6.19 -1.23 21.71
C GLU B 115 7.56 -1.80 21.45
N THR B 116 7.62 -2.96 20.79
CA THR B 116 8.91 -3.61 20.55
C THR B 116 9.77 -2.78 19.62
N TYR B 117 9.19 -2.23 18.55
CA TYR B 117 9.97 -1.39 17.66
C TYR B 117 10.39 -0.10 18.35
N ILE B 118 9.55 0.42 19.23
CA ILE B 118 9.93 1.58 20.04
C ILE B 118 11.15 1.25 20.88
N ALA B 119 11.13 0.10 21.54
CA ALA B 119 12.27 -0.33 22.33
C ALA B 119 13.50 -0.54 21.46
N LEU B 120 13.31 -1.11 20.27
CA LEU B 120 14.42 -1.36 19.36
C LEU B 120 14.81 -0.13 18.56
N GLY B 121 13.97 0.89 18.49
CA GLY B 121 14.29 2.08 17.73
C GLY B 121 14.12 1.93 16.24
N VAL B 122 13.23 1.05 15.79
CA VAL B 122 12.99 0.85 14.37
C VAL B 122 12.15 2.02 13.86
N PRO B 123 12.61 2.80 12.88
CA PRO B 123 11.87 4.02 12.51
C PRO B 123 10.54 3.69 11.85
N THR B 124 9.46 4.20 12.43
CA THR B 124 8.12 3.81 11.99
C THR B 124 7.83 4.26 10.58
N ASN B 125 8.44 5.36 10.13
CA ASN B 125 8.18 5.86 8.78
C ASN B 125 8.66 4.86 7.73
N SER B 126 9.84 4.29 7.93
CA SER B 126 10.36 3.34 6.97
C SER B 126 9.52 2.07 6.93
N SER B 127 9.01 1.64 8.09
CA SER B 127 8.20 0.43 8.14
C SER B 127 6.93 0.58 7.33
N ILE B 128 6.28 1.74 7.40
CA ILE B 128 5.04 1.96 6.65
C ILE B 128 5.29 1.85 5.16
N ARG B 129 6.46 2.29 4.70
CA ARG B 129 6.79 2.11 3.29
C ARG B 129 6.93 0.64 2.95
N ALA B 130 7.56 -0.13 3.84
CA ALA B 130 7.67 -1.56 3.60
C ALA B 130 6.30 -2.22 3.51
N VAL B 131 5.42 -1.91 4.46
CA VAL B 131 4.11 -2.55 4.50
C VAL B 131 3.29 -2.17 3.27
N SER B 132 3.33 -0.89 2.89
CA SER B 132 2.49 -0.43 1.79
C SER B 132 2.90 -1.05 0.47
N ILE B 133 4.18 -1.40 0.30
CA ILE B 133 4.59 -2.05 -0.94
C ILE B 133 4.02 -3.46 -1.01
N MET B 134 3.99 -4.17 0.11
CA MET B 134 3.41 -5.51 0.14
C MET B 134 1.98 -5.48 -0.33
N LYS B 135 1.24 -4.44 0.05
CA LYS B 135 -0.14 -4.31 -0.39
C LYS B 135 -0.20 -4.18 -1.91
N ALA B 136 0.58 -3.25 -2.48
CA ALA B 136 0.55 -3.04 -3.92
C ALA B 136 0.98 -4.28 -4.68
N GLN B 137 1.98 -4.99 -4.17
CA GLN B 137 2.38 -6.25 -4.78
C GLN B 137 1.25 -7.27 -4.71
N ALA B 138 0.62 -7.40 -3.55
CA ALA B 138 -0.35 -8.47 -3.35
C ALA B 138 -1.59 -8.27 -4.21
N VAL B 139 -2.10 -7.04 -4.30
CA VAL B 139 -3.30 -6.81 -5.10
C VAL B 139 -3.03 -7.10 -6.56
N ALA B 140 -1.82 -6.80 -7.03
CA ALA B 140 -1.49 -7.05 -8.43
C ALA B 140 -1.53 -8.55 -8.74
N PHE B 141 -0.91 -9.37 -7.88
CA PHE B 141 -0.89 -10.81 -8.14
C PHE B 141 -2.29 -11.40 -8.10
N ILE B 142 -3.10 -10.99 -7.13
CA ILE B 142 -4.41 -11.60 -6.99
C ILE B 142 -5.29 -11.25 -8.19
N THR B 143 -5.15 -10.03 -8.72
CA THR B 143 -5.87 -9.63 -9.92
C THR B 143 -5.13 -9.98 -11.20
N ASN B 144 -3.96 -10.62 -11.10
CA ASN B 144 -3.19 -11.03 -12.28
C ASN B 144 -2.83 -9.83 -13.15
N THR B 145 -2.51 -8.71 -12.50
CA THR B 145 -2.09 -7.49 -13.17
C THR B 145 -0.62 -7.16 -12.91
N ALA B 146 0.18 -8.14 -12.51
CA ALA B 146 1.61 -7.91 -12.37
C ALA B 146 2.22 -7.67 -13.75
N THR B 147 3.11 -6.67 -13.81
CA THR B 147 3.64 -6.25 -15.09
C THR B 147 4.56 -7.30 -15.71
N GLU B 148 5.19 -8.15 -14.89
CA GLU B 148 6.28 -9.00 -15.34
C GLU B 148 5.93 -10.48 -15.39
N ARG B 149 4.85 -10.92 -14.75
CA ARG B 149 4.46 -12.33 -14.77
C ARG B 149 2.95 -12.45 -14.87
N LYS B 150 2.50 -13.36 -15.73
CA LYS B 150 1.10 -13.78 -15.78
C LYS B 150 0.98 -15.21 -15.28
N MET B 151 0.06 -15.43 -14.37
CA MET B 151 -0.32 -16.75 -13.91
C MET B 151 -1.57 -17.18 -14.66
N SER B 152 -1.80 -18.48 -14.69
CA SER B 152 -2.95 -19.06 -15.39
C SER B 152 -4.03 -19.38 -14.37
N PHE B 153 -5.22 -18.81 -14.57
CA PHE B 153 -6.39 -19.15 -13.78
C PHE B 153 -7.59 -19.20 -14.70
N ALA B 154 -8.66 -19.82 -14.22
CA ALA B 154 -9.96 -19.65 -14.84
C ALA B 154 -10.37 -18.19 -14.70
N ALA B 155 -10.85 -17.59 -15.79
CA ALA B 155 -11.17 -16.17 -15.77
C ALA B 155 -12.31 -15.90 -14.79
N GLY B 156 -12.23 -14.77 -14.11
CA GLY B 156 -13.28 -14.37 -13.19
C GLY B 156 -12.87 -13.14 -12.39
N ASP B 157 -13.72 -12.79 -11.44
CA ASP B 157 -13.54 -11.60 -10.62
C ASP B 157 -13.03 -12.00 -9.24
N CYS B 158 -11.86 -11.47 -8.89
CA CYS B 158 -11.27 -11.63 -7.56
C CYS B 158 -11.10 -10.29 -6.86
N THR B 159 -11.93 -9.31 -7.23
CA THR B 159 -11.83 -7.97 -6.63
C THR B 159 -12.09 -8.02 -5.13
N SER B 160 -13.06 -8.84 -4.71
CA SER B 160 -13.41 -8.90 -3.29
C SER B 160 -12.23 -9.41 -2.47
N LEU B 161 -11.58 -10.48 -2.91
CA LEU B 161 -10.45 -11.01 -2.17
C LEU B 161 -9.29 -10.03 -2.17
N ALA B 162 -9.04 -9.36 -3.30
CA ALA B 162 -7.93 -8.42 -3.38
C ALA B 162 -8.12 -7.27 -2.39
N SER B 163 -9.34 -6.75 -2.31
CA SER B 163 -9.65 -5.74 -1.30
C SER B 163 -9.66 -6.34 0.10
N GLU B 164 -9.86 -7.65 0.22
CA GLU B 164 -9.83 -8.30 1.54
C GLU B 164 -8.41 -8.42 2.04
N VAL B 165 -7.47 -8.72 1.14
CA VAL B 165 -6.06 -8.65 1.50
C VAL B 165 -5.68 -7.22 1.85
N ALA B 166 -6.26 -6.25 1.15
CA ALA B 166 -5.96 -4.84 1.41
C ALA B 166 -6.30 -4.46 2.83
N SER B 167 -7.39 -5.02 3.36
CA SER B 167 -7.77 -4.71 4.74
C SER B 167 -6.69 -5.19 5.71
N TYR B 168 -6.16 -6.39 5.49
CA TYR B 168 -5.22 -6.94 6.45
C TYR B 168 -3.93 -6.12 6.51
N PHE B 169 -3.39 -5.76 5.35
CA PHE B 169 -2.16 -4.98 5.34
C PHE B 169 -2.38 -3.61 5.96
N ASP B 170 -3.57 -3.04 5.77
CA ASP B 170 -3.91 -1.78 6.43
C ASP B 170 -3.85 -1.94 7.95
N ARG B 171 -4.27 -3.10 8.46
CA ARG B 171 -4.24 -3.31 9.91
C ARG B 171 -2.82 -3.27 10.45
N VAL B 172 -1.88 -3.86 9.73
CA VAL B 172 -0.48 -3.87 10.20
C VAL B 172 0.04 -2.45 10.30
N GLY B 173 -0.24 -1.64 9.28
CA GLY B 173 0.22 -0.26 9.31
C GLY B 173 -0.34 0.52 10.47
N ALA B 174 -1.64 0.38 10.75
CA ALA B 174 -2.24 1.09 11.87
C ALA B 174 -1.63 0.66 13.18
N ALA B 175 -1.34 -0.63 13.33
CA ALA B 175 -0.76 -1.14 14.57
C ALA B 175 0.63 -0.57 14.81
N ILE B 176 1.44 -0.46 13.76
CA ILE B 176 2.82 -0.04 13.92
C ILE B 176 2.96 1.48 14.02
N SER B 177 2.00 2.24 13.51
CA SER B 177 2.05 3.69 13.60
C SER B 177 2.03 4.12 15.06
N MET C 1 -15.49 10.13 13.47
CA MET C 1 -14.31 9.32 13.01
C MET C 1 -13.53 10.08 11.95
N LEU C 2 -14.21 10.96 11.22
CA LEU C 2 -13.56 11.75 10.18
C LEU C 2 -12.44 12.61 10.76
N ASP C 3 -12.57 13.03 12.03
CA ASP C 3 -11.48 13.74 12.68
C ASP C 3 -10.24 12.86 12.80
N ALA C 4 -10.43 11.56 13.04
CA ALA C 4 -9.29 10.66 13.13
C ALA C 4 -8.53 10.62 11.81
N PHE C 5 -9.25 10.56 10.69
CA PHE C 5 -8.60 10.68 9.39
C PHE C 5 -7.86 12.00 9.27
N SER C 6 -8.47 13.09 9.75
CA SER C 6 -7.77 14.36 9.75
C SER C 6 -6.52 14.31 10.63
N ARG C 7 -6.62 13.67 11.79
CA ARG C 7 -5.45 13.52 12.66
C ARG C 7 -4.36 12.71 11.97
N VAL C 8 -4.74 11.72 11.17
CA VAL C 8 -3.74 10.97 10.39
C VAL C 8 -3.06 11.88 9.39
N VAL C 9 -3.85 12.71 8.68
CA VAL C 9 -3.31 13.51 7.59
C VAL C 9 -2.38 14.60 8.12
N VAL C 10 -2.71 15.19 9.28
CA VAL C 10 -2.03 16.38 9.78
C VAL C 10 -0.83 16.06 10.66
N ASN C 11 -0.63 14.80 11.05
CA ASN C 11 0.32 14.48 12.11
C ASN C 11 1.77 14.77 11.76
N SER C 12 2.07 15.07 10.49
CA SER C 12 3.41 15.45 10.03
C SER C 12 4.36 14.26 9.96
N ASP C 13 3.85 13.04 9.89
CA ASP C 13 4.67 11.84 9.72
C ASP C 13 3.79 10.73 9.17
N ALA C 14 4.44 9.68 8.65
CA ALA C 14 3.70 8.54 8.15
C ALA C 14 2.84 7.94 9.25
N LYS C 15 1.58 7.67 8.93
CA LYS C 15 0.62 7.16 9.89
C LYS C 15 -0.55 6.55 9.13
N ALA C 16 -1.20 5.56 9.75
CA ALA C 16 -2.24 4.79 9.10
C ALA C 16 -3.42 4.62 10.04
N ALA C 17 -4.59 4.39 9.45
CA ALA C 17 -5.80 4.06 10.18
C ALA C 17 -6.78 3.45 9.20
N TYR C 18 -7.84 2.82 9.73
CA TYR C 18 -8.84 2.19 8.88
C TYR C 18 -10.22 2.28 9.52
N VAL C 19 -11.21 1.93 8.71
CA VAL C 19 -12.62 2.01 9.09
C VAL C 19 -13.18 0.58 9.17
N GLY C 20 -13.79 0.27 10.30
CA GLY C 20 -14.51 -0.97 10.46
C GLY C 20 -15.99 -0.77 10.17
N GLY C 21 -16.69 -1.90 10.01
CA GLY C 21 -18.09 -1.85 9.63
C GLY C 21 -18.96 -1.10 10.62
N SER C 22 -18.68 -1.24 11.91
CA SER C 22 -19.44 -0.51 12.91
C SER C 22 -19.20 0.99 12.78
N ASP C 23 -17.94 1.39 12.70
CA ASP C 23 -17.62 2.80 12.53
C ASP C 23 -17.95 3.29 11.13
N LEU C 24 -17.95 2.39 10.15
CA LEU C 24 -18.32 2.77 8.79
C LEU C 24 -19.75 3.30 8.75
N GLN C 25 -20.64 2.70 9.55
CA GLN C 25 -22.03 3.16 9.57
C GLN C 25 -22.15 4.56 10.14
N ALA C 26 -21.28 4.93 11.09
CA ALA C 26 -21.27 6.30 11.57
C ALA C 26 -20.91 7.25 10.43
N LEU C 27 -19.92 6.88 9.61
CA LEU C 27 -19.61 7.69 8.44
C LEU C 27 -20.78 7.72 7.48
N LYS C 28 -21.44 6.57 7.27
CA LYS C 28 -22.54 6.51 6.31
C LYS C 28 -23.70 7.40 6.73
N SER C 29 -23.95 7.51 8.04
CA SER C 29 -24.99 8.41 8.50
C SER C 29 -24.59 9.86 8.29
N PHE C 30 -23.30 10.16 8.47
CA PHE C 30 -22.84 11.54 8.46
C PHE C 30 -22.78 12.09 7.03
N ILE C 31 -22.44 11.26 6.05
CA ILE C 31 -22.17 11.71 4.69
C ILE C 31 -23.45 11.72 3.87
N ALA C 32 -23.54 12.71 2.98
CA ALA C 32 -24.65 12.79 2.04
C ALA C 32 -24.33 11.97 0.80
N ASP C 33 -25.14 10.95 0.53
CA ASP C 33 -24.91 10.02 -0.57
C ASP C 33 -23.53 9.37 -0.46
N GLY C 34 -23.21 8.87 0.74
CA GLY C 34 -21.94 8.21 0.96
C GLY C 34 -21.71 7.03 0.05
N ASN C 35 -22.78 6.35 -0.36
CA ASN C 35 -22.65 5.25 -1.32
C ASN C 35 -22.03 5.75 -2.62
N LYS C 36 -22.54 6.86 -3.15
CA LYS C 36 -21.97 7.43 -4.36
C LYS C 36 -20.55 7.95 -4.12
N ARG C 37 -20.35 8.65 -3.01
CA ARG C 37 -19.08 9.34 -2.77
C ARG C 37 -17.93 8.35 -2.70
N LEU C 38 -18.14 7.23 -2.00
CA LEU C 38 -17.09 6.24 -1.89
C LEU C 38 -16.80 5.58 -3.24
N ASP C 39 -17.86 5.30 -4.02
CA ASP C 39 -17.65 4.78 -5.36
C ASP C 39 -16.91 5.79 -6.23
N ALA C 40 -17.20 7.08 -6.05
CA ALA C 40 -16.53 8.11 -6.82
C ALA C 40 -15.04 8.14 -6.52
N VAL C 41 -14.67 8.08 -5.24
CA VAL C 41 -13.26 8.14 -4.86
C VAL C 41 -12.53 6.90 -5.38
N ASN C 42 -13.20 5.74 -5.34
CA ASN C 42 -12.59 4.54 -5.90
C ASN C 42 -12.33 4.71 -7.38
N SER C 43 -13.26 5.36 -8.10
CA SER C 43 -13.12 5.52 -9.54
C SER C 43 -11.89 6.34 -9.91
N ILE C 44 -11.50 7.29 -9.07
CA ILE C 44 -10.27 8.05 -9.33
C ILE C 44 -9.04 7.20 -9.00
N VAL C 45 -8.92 6.78 -7.74
CA VAL C 45 -7.70 6.14 -7.28
C VAL C 45 -7.45 4.81 -8.00
N SER C 46 -8.51 4.13 -8.41
CA SER C 46 -8.34 2.88 -9.14
C SER C 46 -7.66 3.08 -10.49
N ASN C 47 -7.72 4.29 -11.05
CA ASN C 47 -7.10 4.61 -12.33
C ASN C 47 -6.09 5.75 -12.23
N ALA C 48 -5.64 6.10 -11.01
CA ALA C 48 -4.78 7.26 -10.84
C ALA C 48 -3.47 7.11 -11.60
N SER C 49 -2.95 5.89 -11.69
CA SER C 49 -1.70 5.69 -12.42
C SER C 49 -1.89 6.00 -13.90
N CYS C 50 -2.99 5.56 -14.48
CA CYS C 50 -3.26 5.88 -15.88
C CYS C 50 -3.47 7.37 -16.07
N MET C 51 -4.18 8.00 -15.14
CA MET C 51 -4.51 9.41 -15.25
C MET C 51 -3.27 10.29 -15.24
N VAL C 52 -2.37 10.07 -14.30
CA VAL C 52 -1.25 11.00 -14.11
C VAL C 52 -0.27 10.91 -15.28
N SER C 53 0.07 9.70 -15.71
CA SER C 53 1.05 9.56 -16.80
C SER C 53 0.54 10.18 -18.09
N ASP C 54 -0.74 9.99 -18.38
CA ASP C 54 -1.30 10.57 -19.60
C ASP C 54 -1.28 12.09 -19.54
N ALA C 55 -1.63 12.68 -18.39
CA ALA C 55 -1.67 14.14 -18.30
C ALA C 55 -0.28 14.74 -18.46
N VAL C 56 0.72 14.15 -17.80
CA VAL C 56 2.08 14.66 -17.92
C VAL C 56 2.57 14.48 -19.34
N SER C 57 2.33 13.31 -19.93
CA SER C 57 2.69 13.14 -21.34
C SER C 57 1.85 14.03 -22.24
N GLY C 58 0.58 14.24 -21.91
CA GLY C 58 -0.23 15.16 -22.69
C GLY C 58 0.31 16.57 -22.66
N MET C 59 0.79 17.00 -21.50
CA MET C 59 1.50 18.27 -21.40
C MET C 59 2.73 18.28 -22.30
N ILE C 60 3.49 17.18 -22.30
CA ILE C 60 4.64 17.07 -23.18
C ILE C 60 4.19 16.99 -24.64
N CYS C 61 3.06 16.33 -24.88
CA CYS C 61 2.56 16.13 -26.24
C CYS C 61 2.32 17.45 -26.96
N GLU C 62 1.72 18.41 -26.26
CA GLU C 62 1.43 19.72 -26.83
C GLU C 62 2.55 20.73 -26.66
N ASN C 63 3.56 20.45 -25.83
CA ASN C 63 4.62 21.41 -25.50
C ASN C 63 5.96 20.68 -25.53
N PRO C 64 6.43 20.31 -26.72
CA PRO C 64 7.63 19.47 -26.80
C PRO C 64 8.90 20.10 -26.25
N GLY C 65 8.92 21.41 -26.02
CA GLY C 65 10.11 22.03 -25.45
C GLY C 65 10.48 21.53 -24.07
N LEU C 66 9.52 20.98 -23.33
CA LEU C 66 9.80 20.52 -21.98
C LEU C 66 10.76 19.35 -21.96
N ILE C 67 10.85 18.58 -23.05
CA ILE C 67 11.77 17.45 -23.15
C ILE C 67 13.01 17.75 -23.98
N SER C 68 13.15 18.99 -24.47
CA SER C 68 14.36 19.38 -25.18
C SER C 68 15.48 19.64 -24.18
N PRO C 69 16.74 19.64 -24.62
CA PRO C 69 17.86 19.71 -23.68
C PRO C 69 17.80 20.94 -22.79
N GLY C 70 18.02 20.72 -21.49
CA GLY C 70 17.76 21.73 -20.49
C GLY C 70 16.31 21.84 -20.06
N GLY C 71 15.40 21.13 -20.71
CA GLY C 71 13.99 21.21 -20.38
C GLY C 71 13.69 20.56 -19.05
N CYS C 73 11.64 18.45 -18.07
CA CYS C 73 11.35 17.01 -18.07
C CYS C 73 12.39 16.27 -18.94
N TYR C 74 13.62 16.80 -19.00
CA TYR C 74 14.75 16.29 -19.76
C TYR C 74 15.74 15.67 -18.79
N THR C 75 16.24 14.44 -19.18
CA THR C 75 16.88 13.50 -18.24
C THR C 75 15.83 12.87 -17.33
N ASN C 76 16.07 11.64 -16.85
CA ASN C 76 15.06 10.82 -16.18
C ASN C 76 14.57 11.43 -14.87
N ARG C 77 15.48 11.98 -14.09
CA ARG C 77 15.22 12.39 -12.71
C ARG C 77 14.20 13.52 -12.61
N ARG C 78 14.29 14.51 -13.51
CA ARG C 78 13.23 15.51 -13.55
C ARG C 78 11.90 14.90 -13.97
N MET C 79 11.92 13.97 -14.93
CA MET C 79 10.67 13.39 -15.42
C MET C 79 9.93 12.65 -14.32
N ALA C 80 10.66 11.89 -13.49
CA ALA C 80 10.01 11.19 -12.38
C ALA C 80 9.42 12.18 -11.38
N ALA C 81 10.16 13.26 -11.09
CA ALA C 81 9.72 14.21 -10.08
C ALA C 81 8.44 14.93 -10.51
N CYS C 82 8.27 15.16 -11.82
CA CYS C 82 7.01 15.73 -12.30
C CYS C 82 5.87 14.73 -12.14
N LEU C 83 6.11 13.47 -12.47
CA LEU C 83 5.11 12.44 -12.23
C LEU C 83 4.77 12.36 -10.74
N ARG C 84 5.79 12.47 -9.89
CA ARG C 84 5.56 12.49 -8.45
C ARG C 84 4.64 13.64 -8.06
N ASP C 85 4.90 14.83 -8.59
CA ASP C 85 4.07 15.98 -8.24
C ASP C 85 2.63 15.81 -8.72
N GLY C 86 2.45 15.23 -9.90
CA GLY C 86 1.10 14.96 -10.37
C GLY C 86 0.34 14.02 -9.44
N GLU C 87 1.01 12.97 -8.96
CA GLU C 87 0.37 12.01 -8.07
C GLU C 87 -0.08 12.68 -6.78
N ILE C 88 0.83 13.42 -6.14
CA ILE C 88 0.54 14.03 -4.85
C ILE C 88 -0.65 14.97 -4.95
N ILE C 89 -0.70 15.76 -6.01
CA ILE C 89 -1.84 16.65 -6.23
C ILE C 89 -3.11 15.83 -6.37
N LEU C 90 -3.07 14.78 -7.18
CA LEU C 90 -4.26 13.98 -7.42
C LEU C 90 -4.72 13.28 -6.16
N ARG C 91 -3.78 12.79 -5.35
CA ARG C 91 -4.13 12.17 -4.09
C ARG C 91 -4.79 13.18 -3.14
N TYR C 92 -4.20 14.38 -3.04
CA TYR C 92 -4.79 15.39 -2.16
C TYR C 92 -6.15 15.85 -2.67
N VAL C 93 -6.39 15.79 -3.98
CA VAL C 93 -7.75 16.02 -4.48
C VAL C 93 -8.67 14.90 -4.06
N SER C 94 -8.20 13.65 -4.09
CA SER C 94 -9.06 12.52 -3.78
C SER C 94 -9.55 12.57 -2.33
N TYR C 95 -8.67 12.89 -1.38
CA TYR C 95 -9.12 13.00 -0.01
C TYR C 95 -10.06 14.18 0.17
N ALA C 96 -9.82 15.27 -0.56
CA ALA C 96 -10.71 16.42 -0.51
C ALA C 96 -12.12 16.02 -0.90
N LEU C 97 -12.24 15.13 -1.90
CA LEU C 97 -13.55 14.57 -2.23
C LEU C 97 -14.10 13.74 -1.08
N LEU C 98 -13.27 12.90 -0.48
CA LEU C 98 -13.74 11.98 0.56
C LEU C 98 -14.22 12.74 1.78
N ALA C 99 -13.48 13.77 2.19
CA ALA C 99 -13.92 14.63 3.28
C ALA C 99 -14.98 15.63 2.86
N GLY C 100 -15.09 15.90 1.56
CA GLY C 100 -16.02 16.92 1.10
C GLY C 100 -15.65 18.33 1.51
N ASP C 101 -14.39 18.56 1.86
CA ASP C 101 -13.93 19.88 2.29
C ASP C 101 -12.56 20.16 1.68
N ALA C 102 -12.43 21.36 1.12
CA ALA C 102 -11.23 21.75 0.38
C ALA C 102 -10.12 22.26 1.28
N SER C 103 -10.32 22.35 2.60
CA SER C 103 -9.31 22.93 3.47
C SER C 103 -8.00 22.18 3.39
N VAL C 104 -8.06 20.85 3.46
CA VAL C 104 -6.84 20.04 3.53
C VAL C 104 -6.01 20.22 2.27
N LEU C 105 -6.68 20.36 1.13
CA LEU C 105 -5.97 20.62 -0.11
C LEU C 105 -5.19 21.93 -0.04
N GLU C 106 -5.84 23.00 0.40
CA GLU C 106 -5.17 24.29 0.49
C GLU C 106 -4.04 24.26 1.52
N ASP C 107 -4.35 23.83 2.73
CA ASP C 107 -3.44 24.08 3.86
C ASP C 107 -2.19 23.23 3.78
N ARG C 108 -2.27 22.06 3.16
CA ARG C 108 -1.17 21.10 3.14
C ARG C 108 -0.47 21.01 1.80
N CYS C 109 -1.18 21.24 0.68
CA CYS C 109 -0.64 21.10 -0.66
C CYS C 109 -0.48 22.42 -1.38
N LEU C 110 -1.54 23.22 -1.47
CA LEU C 110 -1.46 24.44 -2.28
C LEU C 110 -0.69 25.55 -1.59
N ASN C 111 -0.67 25.57 -0.26
CA ASN C 111 0.07 26.60 0.44
C ASN C 111 1.56 26.48 0.13
N GLY C 112 2.14 27.56 -0.38
CA GLY C 112 3.55 27.59 -0.69
C GLY C 112 3.94 26.94 -2.00
N LEU C 113 2.98 26.36 -2.74
CA LEU C 113 3.30 25.77 -4.03
C LEU C 113 3.69 26.85 -5.03
N LYS C 114 3.08 28.03 -4.92
CA LYS C 114 3.47 29.16 -5.77
C LYS C 114 4.94 29.51 -5.56
N GLU C 115 5.32 29.75 -4.30
CA GLU C 115 6.70 30.14 -4.01
C GLU C 115 7.67 29.01 -4.33
N THR C 116 7.25 27.77 -4.14
CA THR C 116 8.14 26.64 -4.35
C THR C 116 8.58 26.52 -5.80
N TYR C 117 7.62 26.51 -6.73
CA TYR C 117 7.93 26.20 -8.12
C TYR C 117 8.81 27.27 -8.75
N ILE C 118 8.57 28.53 -8.43
CA ILE C 118 9.35 29.62 -9.01
C ILE C 118 10.81 29.51 -8.60
N ALA C 119 11.07 29.17 -7.33
CA ALA C 119 12.46 28.99 -6.91
C ALA C 119 13.08 27.77 -7.58
N LEU C 120 12.28 26.74 -7.86
CA LEU C 120 12.76 25.61 -8.63
C LEU C 120 12.82 25.90 -10.12
N GLY C 121 12.05 26.87 -10.61
CA GLY C 121 11.96 27.13 -12.02
C GLY C 121 11.01 26.26 -12.78
N VAL C 122 9.99 25.73 -12.12
CA VAL C 122 8.99 24.90 -12.80
C VAL C 122 8.06 25.82 -13.59
N PRO C 123 7.85 25.60 -14.90
CA PRO C 123 6.92 26.48 -15.64
C PRO C 123 5.48 26.29 -15.20
N THR C 124 4.94 27.26 -14.47
CA THR C 124 3.62 27.09 -13.86
C THR C 124 2.51 27.07 -14.89
N ASN C 125 2.67 27.77 -16.01
CA ASN C 125 1.62 27.78 -17.02
C ASN C 125 1.42 26.39 -17.61
N SER C 126 2.51 25.63 -17.77
CA SER C 126 2.37 24.25 -18.22
C SER C 126 1.87 23.34 -17.11
N SER C 127 2.24 23.63 -15.85
CA SER C 127 1.68 22.87 -14.73
C SER C 127 0.17 22.96 -14.71
N ILE C 128 -0.38 24.14 -15.05
CA ILE C 128 -1.82 24.29 -15.15
C ILE C 128 -2.37 23.36 -16.22
N ARG C 129 -1.63 23.18 -17.32
CA ARG C 129 -2.11 22.33 -18.40
C ARG C 129 -2.28 20.89 -17.93
N ALA C 130 -1.31 20.37 -17.18
CA ALA C 130 -1.40 19.00 -16.68
C ALA C 130 -2.58 18.84 -15.73
N VAL C 131 -2.75 19.78 -14.79
CA VAL C 131 -3.84 19.70 -13.85
C VAL C 131 -5.18 19.79 -14.56
N SER C 132 -5.27 20.68 -15.55
CA SER C 132 -6.51 20.82 -16.30
C SER C 132 -6.81 19.58 -17.13
N ILE C 133 -5.78 18.79 -17.44
CA ILE C 133 -6.04 17.50 -18.09
C ILE C 133 -6.67 16.53 -17.10
N MET C 134 -6.13 16.48 -15.88
CA MET C 134 -6.66 15.54 -14.89
C MET C 134 -8.11 15.85 -14.56
N LYS C 135 -8.48 17.13 -14.55
CA LYS C 135 -9.86 17.50 -14.30
C LYS C 135 -10.76 16.93 -15.39
N ALA C 136 -10.33 17.00 -16.65
CA ALA C 136 -11.06 16.32 -17.72
C ALA C 136 -11.06 14.82 -17.50
N GLN C 137 -9.93 14.26 -17.04
CA GLN C 137 -9.87 12.82 -16.78
C GLN C 137 -10.81 12.44 -15.65
N ALA C 138 -10.75 13.19 -14.55
CA ALA C 138 -11.49 12.80 -13.35
C ALA C 138 -13.00 12.86 -13.58
N VAL C 139 -13.47 13.88 -14.30
CA VAL C 139 -14.90 14.01 -14.53
C VAL C 139 -15.43 12.83 -15.33
N ALA C 140 -14.64 12.34 -16.29
CA ALA C 140 -15.10 11.23 -17.12
C ALA C 140 -15.26 9.96 -16.30
N PHE C 141 -14.29 9.65 -15.43
CA PHE C 141 -14.36 8.43 -14.65
C PHE C 141 -15.53 8.45 -13.68
N ILE C 142 -15.78 9.59 -13.02
CA ILE C 142 -16.88 9.67 -12.08
C ILE C 142 -18.21 9.48 -12.80
N THR C 143 -18.35 10.07 -13.98
CA THR C 143 -19.54 9.86 -14.79
C THR C 143 -19.50 8.54 -15.55
N ASN C 144 -18.40 7.78 -15.44
CA ASN C 144 -18.25 6.50 -16.12
C ASN C 144 -18.46 6.66 -17.63
N THR C 145 -17.80 7.69 -18.18
CA THR C 145 -17.85 8.02 -19.60
C THR C 145 -16.48 7.90 -20.26
N ALA C 146 -15.52 7.22 -19.62
CA ALA C 146 -14.21 7.04 -20.23
C ALA C 146 -14.31 6.19 -21.48
N THR C 147 -13.43 6.47 -22.45
CA THR C 147 -13.52 5.81 -23.74
C THR C 147 -13.04 4.35 -23.67
N GLU C 148 -11.89 4.12 -23.05
CA GLU C 148 -11.24 2.81 -23.12
C GLU C 148 -11.53 1.92 -21.91
N ARG C 149 -12.32 2.39 -20.94
CA ARG C 149 -12.69 1.56 -19.79
C ARG C 149 -14.04 2.01 -19.30
N LYS C 150 -14.92 1.04 -19.02
CA LYS C 150 -16.17 1.27 -18.30
C LYS C 150 -16.14 0.49 -17.00
N MET C 151 -16.63 1.11 -15.93
CA MET C 151 -16.67 0.52 -14.61
C MET C 151 -18.04 -0.10 -14.34
N SER C 152 -18.11 -0.86 -13.26
CA SER C 152 -19.36 -1.45 -12.78
C SER C 152 -19.83 -0.67 -11.56
N PHE C 153 -21.05 -0.14 -11.64
CA PHE C 153 -21.65 0.58 -10.52
C PHE C 153 -23.15 0.33 -10.52
N ALA C 154 -23.75 0.43 -9.34
CA ALA C 154 -25.20 0.43 -9.24
C ALA C 154 -25.75 1.67 -9.93
N ALA C 155 -26.89 1.52 -10.58
CA ALA C 155 -27.43 2.61 -11.40
C ALA C 155 -27.77 3.83 -10.54
N GLY C 156 -27.60 5.00 -11.13
CA GLY C 156 -27.98 6.26 -10.51
C GLY C 156 -27.08 7.38 -10.99
N ASP C 157 -27.29 8.56 -10.39
CA ASP C 157 -26.75 9.80 -10.89
C ASP C 157 -25.63 10.28 -9.98
N CYS C 158 -24.48 10.60 -10.59
CA CYS C 158 -23.30 11.08 -9.88
C CYS C 158 -22.91 12.48 -10.33
N THR C 159 -23.88 13.29 -10.75
CA THR C 159 -23.58 14.61 -11.30
C THR C 159 -22.97 15.54 -10.27
N SER C 160 -23.51 15.55 -9.04
CA SER C 160 -23.10 16.52 -8.05
C SER C 160 -21.61 16.37 -7.70
N LEU C 161 -21.17 15.15 -7.47
CA LEU C 161 -19.77 14.92 -7.11
C LEU C 161 -18.85 15.32 -8.25
N ALA C 162 -19.29 15.07 -9.49
CA ALA C 162 -18.49 15.47 -10.65
C ALA C 162 -18.25 16.98 -10.66
N SER C 163 -19.27 17.75 -10.31
CA SER C 163 -19.08 19.18 -10.14
C SER C 163 -18.23 19.49 -8.91
N GLU C 164 -18.33 18.65 -7.87
CA GLU C 164 -17.58 18.93 -6.64
C GLU C 164 -16.09 18.76 -6.87
N VAL C 165 -15.69 17.69 -7.56
CA VAL C 165 -14.28 17.49 -7.87
C VAL C 165 -13.75 18.62 -8.77
N ALA C 166 -14.63 19.17 -9.62
CA ALA C 166 -14.20 20.21 -10.54
C ALA C 166 -13.67 21.43 -9.80
N SER C 167 -14.35 21.84 -8.73
CA SER C 167 -13.89 22.99 -7.95
C SER C 167 -12.53 22.71 -7.34
N TYR C 168 -12.30 21.49 -6.86
CA TYR C 168 -11.03 21.17 -6.21
C TYR C 168 -9.87 21.29 -7.18
N PHE C 169 -10.04 20.80 -8.41
CA PHE C 169 -9.00 20.98 -9.41
C PHE C 169 -8.74 22.46 -9.70
N ASP C 170 -9.83 23.24 -9.81
CA ASP C 170 -9.69 24.64 -10.18
C ASP C 170 -8.97 25.44 -9.10
N ARG C 171 -9.10 25.04 -7.84
CA ARG C 171 -8.33 25.68 -6.78
C ARG C 171 -6.83 25.55 -7.03
N VAL C 172 -6.40 24.44 -7.64
CA VAL C 172 -4.98 24.21 -7.85
C VAL C 172 -4.41 25.27 -8.79
N GLY C 173 -5.07 25.48 -9.92
CA GLY C 173 -4.58 26.44 -10.90
C GLY C 173 -4.49 27.84 -10.34
N ALA C 174 -5.49 28.26 -9.57
CA ALA C 174 -5.49 29.61 -9.01
C ALA C 174 -4.32 29.81 -8.06
N ALA C 175 -3.96 28.79 -7.29
CA ALA C 175 -2.87 28.93 -6.32
C ALA C 175 -1.54 29.18 -7.00
N ILE C 176 -1.30 28.51 -8.14
CA ILE C 176 -0.02 28.62 -8.85
C ILE C 176 -0.07 29.63 -10.00
N SER C 177 -1.22 30.25 -10.26
CA SER C 177 -1.33 31.23 -11.34
C SER C 177 -0.34 32.38 -11.15
#